data_4BUO
#
_entry.id   4BUO
#
_cell.length_a   63.310
_cell.length_b   89.400
_cell.length_c   212.130
_cell.angle_alpha   90.00
_cell.angle_beta   90.00
_cell.angle_gamma   90.00
#
_symmetry.space_group_name_H-M   'P 21 21 21'
#
loop_
_entity.id
_entity.type
_entity.pdbx_description
1 polymer 'NEUROTENSIN RECEPTOR TYPE 1'
2 polymer 'NEUROTENSIN/NEUROMEDIN N'
3 non-polymer GLYCINE
#
loop_
_entity_poly.entity_id
_entity_poly.type
_entity_poly.pdbx_seq_one_letter_code
_entity_poly.pdbx_strand_id
1 'polypeptide(L)'
;PGSGPNSDLDVNTDIYSKVLVTAIYLALFVVGTVGNSVTLFTLARKKSLQSLQSTVDYYLGSLALSDLLILLLAMPVELY
NFIWVHHPWAFGDAGCRGYYFLRDACTYATALNVVSLSVELYLAICHPFKAKTLMSRSRTKKFISAIWLASALLAIPMLF
TMGLQNLSGDGTHPGGLVCTPIVDTATLKVVIQVNTFMSFLFPMLVASILNTVIANKLTVMVHQAAFNMTIEPGRVQALR
RGVLVLRAVVIAFVVCWLPYHVRRLMFCYISDEQWTTFLFDFYHYFYMLTNALVYVSAAINPILYNLVSANFRQVFLSTL
ACLCPGTRELEVLFQ
;
A,B
2 'polypeptide(L)' GPGGRRPYIL C,D
#
# COMPACT_ATOMS: atom_id res chain seq x y z
N ASN A 6 7.52 -30.94 30.52
CA ASN A 6 7.26 -31.15 29.10
C ASN A 6 8.46 -30.84 28.23
N SER A 7 9.03 -31.87 27.61
CA SER A 7 10.20 -31.70 26.77
C SER A 7 9.85 -31.75 25.28
N ASP A 8 8.58 -31.49 24.97
CA ASP A 8 8.12 -31.50 23.59
C ASP A 8 8.28 -30.12 22.94
N LEU A 9 8.28 -29.08 23.77
CA LEU A 9 8.44 -27.72 23.27
C LEU A 9 9.90 -27.29 23.30
N ASP A 10 10.79 -28.24 23.55
CA ASP A 10 12.22 -27.94 23.61
C ASP A 10 12.84 -27.86 22.22
N VAL A 11 13.65 -26.84 22.01
CA VAL A 11 14.36 -26.65 20.74
C VAL A 11 15.82 -27.07 20.88
N ASN A 12 16.23 -28.03 20.07
CA ASN A 12 17.58 -28.59 20.16
C ASN A 12 18.64 -27.80 19.39
N THR A 13 19.05 -26.67 19.97
CA THR A 13 20.15 -25.89 19.41
C THR A 13 21.25 -25.74 20.46
N ASP A 14 22.48 -26.09 20.08
CA ASP A 14 23.61 -26.08 21.00
C ASP A 14 23.91 -24.70 21.57
N ILE A 15 24.65 -24.67 22.67
CA ILE A 15 24.96 -23.43 23.36
C ILE A 15 25.86 -22.51 22.52
N TYR A 16 26.69 -23.13 21.68
CA TYR A 16 27.60 -22.38 20.81
C TYR A 16 26.85 -21.39 19.93
N SER A 17 25.86 -21.91 19.20
CA SER A 17 25.06 -21.07 18.30
C SER A 17 24.30 -20.00 19.06
N LYS A 18 23.83 -20.34 20.27
CA LYS A 18 23.10 -19.39 21.10
C LYS A 18 23.99 -18.22 21.54
N VAL A 19 25.19 -18.53 22.01
CA VAL A 19 26.12 -17.49 22.44
C VAL A 19 26.59 -16.65 21.26
N LEU A 20 26.85 -17.30 20.14
CA LEU A 20 27.28 -16.60 18.92
C LEU A 20 26.20 -15.62 18.45
N VAL A 21 24.99 -16.13 18.29
CA VAL A 21 23.85 -15.31 17.87
C VAL A 21 23.58 -14.19 18.86
N THR A 22 23.72 -14.47 20.15
CA THR A 22 23.55 -13.43 21.17
C THR A 22 24.59 -12.33 21.01
N ALA A 23 25.84 -12.72 20.77
CA ALA A 23 26.92 -11.76 20.58
C ALA A 23 26.68 -10.87 19.35
N ILE A 24 26.35 -11.49 18.23
CA ILE A 24 26.03 -10.76 17.00
C ILE A 24 24.86 -9.82 17.25
N TYR A 25 23.86 -10.31 17.98
CA TYR A 25 22.68 -9.53 18.34
C TYR A 25 23.04 -8.29 19.14
N LEU A 26 23.94 -8.44 20.10
CA LEU A 26 24.35 -7.32 20.94
C LEU A 26 25.19 -6.31 20.17
N ALA A 27 26.03 -6.81 19.26
CA ALA A 27 26.82 -5.94 18.39
C ALA A 27 25.91 -5.09 17.51
N LEU A 28 24.96 -5.75 16.85
CA LEU A 28 24.00 -5.06 16.00
C LEU A 28 23.11 -4.15 16.85
N PHE A 29 22.98 -4.47 18.13
CA PHE A 29 22.18 -3.68 19.05
C PHE A 29 22.87 -2.35 19.35
N VAL A 30 24.13 -2.41 19.77
CA VAL A 30 24.86 -1.19 20.07
C VAL A 30 25.10 -0.35 18.82
N VAL A 31 25.60 -0.97 17.76
CA VAL A 31 25.87 -0.27 16.51
C VAL A 31 24.58 0.33 15.94
N GLY A 32 23.52 -0.47 15.93
CA GLY A 32 22.24 -0.03 15.40
C GLY A 32 21.61 1.10 16.20
N THR A 33 21.51 0.92 17.51
CA THR A 33 20.88 1.92 18.38
C THR A 33 21.66 3.23 18.37
N VAL A 34 22.98 3.15 18.58
CA VAL A 34 23.81 4.34 18.54
C VAL A 34 23.70 5.03 17.19
N GLY A 35 23.87 4.27 16.12
CA GLY A 35 23.81 4.79 14.77
C GLY A 35 22.51 5.52 14.46
N ASN A 36 21.38 4.86 14.71
CA ASN A 36 20.07 5.43 14.39
C ASN A 36 19.67 6.60 15.30
N SER A 37 19.97 6.48 16.59
CA SER A 37 19.67 7.56 17.53
C SER A 37 20.47 8.81 17.19
N VAL A 38 21.77 8.62 16.98
CA VAL A 38 22.66 9.71 16.57
C VAL A 38 22.22 10.29 15.23
N THR A 39 21.72 9.43 14.36
CA THR A 39 21.18 9.87 13.09
C THR A 39 20.01 10.83 13.32
N LEU A 40 19.07 10.41 14.16
CA LEU A 40 17.92 11.24 14.50
C LEU A 40 18.33 12.59 15.08
N PHE A 41 19.25 12.57 16.05
CA PHE A 41 19.72 13.80 16.66
C PHE A 41 20.46 14.70 15.66
N THR A 42 21.07 14.07 14.67
CA THR A 42 21.78 14.79 13.62
C THR A 42 20.77 15.51 12.72
N LEU A 43 19.71 14.80 12.34
CA LEU A 43 18.67 15.37 11.50
C LEU A 43 17.84 16.40 12.26
N ALA A 44 17.91 16.35 13.59
CA ALA A 44 17.18 17.28 14.43
C ALA A 44 17.82 18.67 14.41
N ARG A 45 19.15 18.71 14.50
CA ARG A 45 19.87 19.98 14.52
C ARG A 45 20.36 20.37 13.13
N LYS A 46 19.64 19.95 12.11
CA LYS A 46 20.01 20.22 10.72
C LYS A 46 20.16 21.72 10.45
N LYS A 47 19.06 22.45 10.60
CA LYS A 47 19.08 23.91 10.40
C LYS A 47 18.32 24.62 11.50
N SER A 51 15.95 22.17 -1.37
CA SER A 51 15.81 21.76 0.01
C SER A 51 15.13 20.40 0.11
N LEU A 52 15.25 19.60 -0.94
CA LEU A 52 14.67 18.26 -0.95
C LEU A 52 15.39 17.33 0.01
N GLN A 53 16.65 17.63 0.29
CA GLN A 53 17.43 16.85 1.25
C GLN A 53 16.76 16.92 2.61
N SER A 54 16.28 18.11 2.96
CA SER A 54 15.54 18.31 4.21
C SER A 54 14.32 17.41 4.28
N THR A 55 13.78 17.03 3.12
CA THR A 55 12.66 16.09 3.07
C THR A 55 13.16 14.66 3.22
N VAL A 56 14.29 14.34 2.58
CA VAL A 56 14.85 12.99 2.69
C VAL A 56 15.46 12.80 4.07
N ASP A 57 15.63 13.90 4.79
CA ASP A 57 16.02 13.84 6.20
C ASP A 57 14.84 13.33 7.02
N TYR A 58 13.63 13.70 6.62
CA TYR A 58 12.43 13.19 7.28
C TYR A 58 12.35 11.68 7.06
N TYR A 59 12.36 11.27 5.80
CA TYR A 59 12.34 9.85 5.43
C TYR A 59 13.40 9.08 6.20
N LEU A 60 14.65 9.48 6.05
CA LEU A 60 15.77 8.90 6.80
C LEU A 60 15.42 8.84 8.28
N GLY A 61 14.98 9.98 8.82
CA GLY A 61 14.55 10.05 10.21
C GLY A 61 13.55 8.95 10.51
N SER A 62 12.49 8.89 9.71
CA SER A 62 11.48 7.85 9.85
C SER A 62 12.14 6.48 9.92
N LEU A 63 13.00 6.21 8.94
CA LEU A 63 13.72 4.94 8.86
C LEU A 63 14.42 4.66 10.19
N ALA A 64 15.15 5.65 10.68
CA ALA A 64 15.88 5.51 11.93
C ALA A 64 14.92 5.07 13.04
N LEU A 65 13.79 5.77 13.13
CA LEU A 65 12.77 5.44 14.11
C LEU A 65 12.38 3.98 13.95
N SER A 66 12.03 3.60 12.73
CA SER A 66 11.56 2.25 12.43
C SER A 66 12.61 1.21 12.82
N ASP A 67 13.88 1.62 12.82
CA ASP A 67 14.94 0.74 13.26
C ASP A 67 14.98 0.71 14.79
N LEU A 68 15.06 1.89 15.40
CA LEU A 68 15.23 2.01 16.84
C LEU A 68 14.19 1.19 17.61
N LEU A 69 12.93 1.39 17.26
CA LEU A 69 11.83 0.61 17.80
C LEU A 69 12.18 -0.88 17.83
N ILE A 70 12.45 -1.44 16.65
CA ILE A 70 12.77 -2.86 16.53
C ILE A 70 13.96 -3.23 17.42
N LEU A 71 14.93 -2.34 17.50
CA LEU A 71 16.13 -2.59 18.29
C LEU A 71 15.85 -2.48 19.78
N LEU A 72 14.91 -1.62 20.16
CA LEU A 72 14.66 -1.36 21.57
C LEU A 72 13.54 -2.22 22.16
N LEU A 73 12.64 -2.71 21.30
CA LEU A 73 11.50 -3.48 21.76
C LEU A 73 11.55 -4.93 21.30
N ALA A 74 11.70 -5.13 20.00
CA ALA A 74 11.67 -6.46 19.41
C ALA A 74 12.87 -7.32 19.81
N MET A 75 14.06 -6.72 19.81
CA MET A 75 15.29 -7.46 20.09
C MET A 75 15.40 -8.13 21.48
N PRO A 76 15.12 -7.39 22.57
CA PRO A 76 15.22 -8.05 23.89
C PRO A 76 14.25 -9.22 24.00
N VAL A 77 12.99 -8.98 23.67
CA VAL A 77 11.95 -10.00 23.70
C VAL A 77 12.29 -11.22 22.85
N GLU A 78 12.74 -10.98 21.61
CA GLU A 78 13.10 -12.07 20.73
C GLU A 78 14.31 -12.85 21.23
N LEU A 79 15.30 -12.13 21.75
CA LEU A 79 16.50 -12.75 22.27
C LEU A 79 16.08 -13.72 23.37
N TYR A 80 15.44 -13.18 24.40
CA TYR A 80 14.99 -13.99 25.53
C TYR A 80 14.09 -15.16 25.11
N ASN A 81 12.89 -14.84 24.65
CA ASN A 81 11.85 -15.86 24.45
C ASN A 81 11.95 -16.68 23.16
N PHE A 82 12.71 -16.20 22.19
CA PHE A 82 12.82 -16.89 20.91
C PHE A 82 14.20 -17.48 20.68
N ILE A 83 15.19 -17.06 21.46
CA ILE A 83 16.53 -17.63 21.29
C ILE A 83 17.01 -18.39 22.53
N TRP A 84 16.75 -17.86 23.71
CA TRP A 84 17.28 -18.44 24.95
C TRP A 84 16.32 -19.39 25.68
N VAL A 85 15.04 -19.05 25.68
CA VAL A 85 14.04 -19.91 26.31
C VAL A 85 12.75 -19.93 25.49
N HIS A 86 12.56 -21.02 24.75
CA HIS A 86 11.49 -21.11 23.76
C HIS A 86 10.12 -21.33 24.40
N HIS A 87 10.12 -21.78 25.65
CA HIS A 87 8.90 -22.00 26.40
C HIS A 87 9.16 -21.93 27.90
N PRO A 88 8.24 -21.33 28.66
CA PRO A 88 6.99 -20.74 28.15
C PRO A 88 7.16 -19.28 27.74
N TRP A 89 6.17 -18.75 27.03
CA TRP A 89 6.14 -17.34 26.69
C TRP A 89 5.90 -16.55 27.97
N ALA A 90 6.60 -15.43 28.12
CA ALA A 90 6.59 -14.70 29.39
C ALA A 90 6.06 -13.27 29.28
N PHE A 91 5.56 -12.88 28.11
CA PHE A 91 5.10 -11.51 27.91
C PHE A 91 3.59 -11.39 27.73
N GLY A 92 2.87 -12.49 27.92
CA GLY A 92 1.43 -12.47 27.86
C GLY A 92 0.85 -12.29 26.47
N ASP A 93 -0.48 -12.21 26.40
CA ASP A 93 -1.20 -12.11 25.14
C ASP A 93 -0.90 -10.81 24.41
N ALA A 94 -0.98 -9.69 25.14
CA ALA A 94 -0.74 -8.37 24.57
C ALA A 94 0.69 -8.24 24.04
N GLY A 95 1.63 -8.84 24.75
CA GLY A 95 3.02 -8.86 24.32
C GLY A 95 3.17 -9.70 23.07
N CYS A 96 2.49 -10.84 23.06
CA CYS A 96 2.54 -11.76 21.93
C CYS A 96 2.04 -11.11 20.64
N ARG A 97 0.86 -10.50 20.70
CA ARG A 97 0.28 -9.85 19.53
C ARG A 97 1.04 -8.58 19.15
N GLY A 98 1.36 -7.78 20.15
CA GLY A 98 2.06 -6.52 19.94
C GLY A 98 3.43 -6.67 19.32
N TYR A 99 4.11 -7.77 19.65
CA TYR A 99 5.43 -8.06 19.08
C TYR A 99 5.36 -8.16 17.56
N TYR A 100 4.59 -9.13 17.08
CA TYR A 100 4.46 -9.38 15.65
C TYR A 100 3.82 -8.19 14.93
N PHE A 101 2.86 -7.54 15.57
CA PHE A 101 2.26 -6.35 15.00
C PHE A 101 3.30 -5.27 14.75
N LEU A 102 4.14 -5.02 15.76
CA LEU A 102 5.22 -4.04 15.64
C LEU A 102 6.20 -4.43 14.54
N ARG A 103 6.53 -5.71 14.49
CA ARG A 103 7.42 -6.25 13.48
C ARG A 103 6.92 -5.90 12.08
N ASP A 104 5.71 -6.36 11.76
CA ASP A 104 5.10 -6.11 10.46
C ASP A 104 4.97 -4.62 10.15
N ALA A 105 4.53 -3.85 11.14
CA ALA A 105 4.34 -2.42 10.97
C ALA A 105 5.63 -1.72 10.57
N CYS A 106 6.70 -2.00 11.30
CA CYS A 106 8.00 -1.42 11.01
C CYS A 106 8.53 -1.86 9.65
N THR A 107 8.28 -3.12 9.30
CA THR A 107 8.69 -3.62 7.98
C THR A 107 8.01 -2.84 6.86
N TYR A 108 6.68 -2.73 6.93
CA TYR A 108 5.90 -1.98 5.95
C TYR A 108 6.35 -0.53 5.87
N ALA A 109 6.56 0.09 7.03
CA ALA A 109 7.02 1.48 7.10
C ALA A 109 8.34 1.64 6.36
N THR A 110 9.28 0.73 6.62
CA THR A 110 10.58 0.76 5.98
C THR A 110 10.47 0.64 4.46
N ALA A 111 9.73 -0.37 4.00
CA ALA A 111 9.56 -0.60 2.57
C ALA A 111 8.95 0.61 1.86
N LEU A 112 7.83 1.09 2.40
CA LEU A 112 7.14 2.24 1.83
C LEU A 112 8.03 3.49 1.83
N ASN A 113 8.81 3.67 2.88
CA ASN A 113 9.77 4.77 2.93
C ASN A 113 10.83 4.63 1.84
N VAL A 114 11.24 3.41 1.55
CA VAL A 114 12.22 3.15 0.50
C VAL A 114 11.67 3.51 -0.87
N VAL A 115 10.47 3.01 -1.18
CA VAL A 115 9.82 3.32 -2.45
C VAL A 115 9.61 4.82 -2.60
N SER A 116 9.16 5.46 -1.52
CA SER A 116 8.95 6.90 -1.53
C SER A 116 10.24 7.66 -1.79
N LEU A 117 11.33 7.18 -1.18
CA LEU A 117 12.65 7.76 -1.42
C LEU A 117 13.06 7.61 -2.87
N SER A 118 12.70 6.48 -3.47
CA SER A 118 12.98 6.23 -4.88
C SER A 118 12.26 7.25 -5.76
N VAL A 119 10.97 7.44 -5.49
CA VAL A 119 10.18 8.41 -6.24
C VAL A 119 10.73 9.83 -6.08
N GLU A 120 10.98 10.23 -4.84
CA GLU A 120 11.49 11.57 -4.55
C GLU A 120 12.84 11.82 -5.20
N LEU A 121 13.69 10.80 -5.21
CA LEU A 121 15.00 10.92 -5.85
C LEU A 121 14.85 11.05 -7.36
N TYR A 122 13.92 10.27 -7.93
CA TYR A 122 13.62 10.36 -9.35
C TYR A 122 13.19 11.78 -9.73
N LEU A 123 12.26 12.33 -8.96
CA LEU A 123 11.78 13.69 -9.19
C LEU A 123 12.89 14.71 -8.96
N ALA A 124 13.84 14.35 -8.11
CA ALA A 124 14.97 15.23 -7.81
C ALA A 124 15.97 15.30 -8.96
N ILE A 125 16.16 14.18 -9.65
CA ILE A 125 17.16 14.13 -10.72
C ILE A 125 16.56 14.38 -12.12
N CYS A 126 15.25 14.23 -12.25
CA CYS A 126 14.60 14.42 -13.55
C CYS A 126 13.94 15.79 -13.69
N HIS A 127 13.23 16.22 -12.66
CA HIS A 127 12.58 17.53 -12.68
C HIS A 127 12.96 18.37 -11.46
N PRO A 128 14.24 18.77 -11.37
CA PRO A 128 14.72 19.51 -10.19
C PRO A 128 14.11 20.91 -10.12
N PHE A 129 13.78 21.48 -11.27
CA PHE A 129 13.17 22.80 -11.33
C PHE A 129 11.70 22.74 -10.91
N LYS A 130 11.07 21.59 -11.14
CA LYS A 130 9.70 21.37 -10.69
C LYS A 130 9.73 20.82 -9.26
N ALA A 131 10.89 20.35 -8.83
CA ALA A 131 11.05 19.79 -7.50
C ALA A 131 11.38 20.86 -6.46
N LYS A 132 12.07 21.90 -6.88
CA LYS A 132 12.37 23.02 -5.98
C LYS A 132 11.08 23.78 -5.67
N THR A 133 10.15 23.79 -6.61
CA THR A 133 8.77 24.13 -6.31
C THR A 133 8.23 22.92 -5.57
N LEU A 134 8.52 22.86 -4.27
CA LEU A 134 8.50 21.62 -3.51
C LEU A 134 7.18 21.30 -2.81
N MET A 135 6.92 20.01 -2.66
CA MET A 135 5.92 19.51 -1.75
C MET A 135 6.38 19.96 -0.36
N SER A 136 5.65 20.90 0.23
CA SER A 136 6.06 21.54 1.49
C SER A 136 6.42 20.56 2.61
N ARG A 137 7.20 21.02 3.57
CA ARG A 137 7.61 20.22 4.71
C ARG A 137 6.42 19.66 5.47
N SER A 138 5.36 20.46 5.58
CA SER A 138 4.14 20.04 6.27
C SER A 138 3.50 18.85 5.55
N ARG A 139 3.39 18.96 4.22
CA ARG A 139 2.81 17.89 3.43
C ARG A 139 3.69 16.64 3.45
N THR A 140 5.00 16.85 3.58
CA THR A 140 5.93 15.74 3.67
C THR A 140 5.75 14.99 4.99
N LYS A 141 5.63 15.74 6.08
CA LYS A 141 5.38 15.15 7.40
C LYS A 141 4.03 14.42 7.40
N LYS A 142 3.04 15.02 6.74
CA LYS A 142 1.73 14.40 6.59
C LYS A 142 1.85 13.08 5.83
N PHE A 143 2.73 13.05 4.84
CA PHE A 143 2.94 11.85 4.04
C PHE A 143 3.65 10.76 4.85
N ILE A 144 4.59 11.19 5.70
CA ILE A 144 5.28 10.25 6.59
C ILE A 144 4.28 9.62 7.55
N SER A 145 3.42 10.46 8.13
CA SER A 145 2.37 9.99 9.02
C SER A 145 1.45 9.01 8.29
N ALA A 146 1.09 9.36 7.05
CA ALA A 146 0.26 8.50 6.23
C ALA A 146 0.91 7.13 6.01
N ILE A 147 2.22 7.14 5.77
CA ILE A 147 2.97 5.91 5.58
C ILE A 147 2.95 5.05 6.85
N TRP A 148 3.23 5.68 7.99
CA TRP A 148 3.21 4.97 9.27
C TRP A 148 1.85 4.34 9.56
N LEU A 149 0.80 5.12 9.38
CA LEU A 149 -0.56 4.66 9.65
C LEU A 149 -0.97 3.53 8.70
N ALA A 150 -0.61 3.67 7.42
CA ALA A 150 -0.88 2.63 6.44
C ALA A 150 -0.15 1.35 6.83
N SER A 151 1.05 1.52 7.38
CA SER A 151 1.86 0.38 7.83
C SER A 151 1.18 -0.33 9.00
N ALA A 152 0.64 0.46 9.92
CA ALA A 152 -0.09 -0.11 11.05
C ALA A 152 -1.32 -0.88 10.57
N LEU A 153 -2.05 -0.28 9.64
CA LEU A 153 -3.23 -0.91 9.05
C LEU A 153 -2.88 -2.23 8.39
N LEU A 154 -1.78 -2.24 7.64
CA LEU A 154 -1.33 -3.45 6.98
C LEU A 154 -0.77 -4.47 7.97
N ALA A 155 -0.45 -3.99 9.18
CA ALA A 155 0.08 -4.86 10.23
C ALA A 155 -1.01 -5.42 11.13
N ILE A 156 -2.22 -4.87 10.98
CA ILE A 156 -3.40 -5.32 11.74
C ILE A 156 -3.63 -6.84 11.86
N PRO A 157 -3.55 -7.59 10.73
CA PRO A 157 -3.85 -9.03 10.79
C PRO A 157 -3.04 -9.82 11.83
N MET A 158 -1.88 -9.32 12.24
CA MET A 158 -1.05 -10.00 13.23
C MET A 158 -1.67 -9.95 14.63
N LEU A 159 -2.54 -8.97 14.85
CA LEU A 159 -3.23 -8.83 16.13
C LEU A 159 -4.25 -9.93 16.34
N PHE A 160 -4.66 -10.56 15.24
CA PHE A 160 -5.67 -11.60 15.27
C PHE A 160 -5.11 -12.97 14.88
N THR A 161 -3.96 -12.96 14.23
CA THR A 161 -3.32 -14.19 13.77
C THR A 161 -2.57 -14.88 14.91
N MET A 162 -1.90 -14.08 15.74
CA MET A 162 -1.06 -14.62 16.79
C MET A 162 -1.73 -14.58 18.16
N GLY A 163 -1.27 -15.42 19.07
CA GLY A 163 -1.81 -15.45 20.42
C GLY A 163 -1.15 -16.51 21.29
N LEU A 164 -1.74 -16.74 22.47
CA LEU A 164 -1.19 -17.71 23.41
C LEU A 164 -1.90 -19.06 23.33
N GLN A 165 -1.11 -20.13 23.36
CA GLN A 165 -1.66 -21.48 23.41
C GLN A 165 -0.84 -22.38 24.33
N ASN A 166 -1.53 -23.27 25.05
CA ASN A 166 -0.85 -24.22 25.91
C ASN A 166 -0.61 -25.54 25.17
N LEU A 167 0.58 -25.68 24.59
CA LEU A 167 0.89 -26.84 23.76
C LEU A 167 1.47 -28.01 24.56
N SER A 168 1.30 -27.97 25.88
CA SER A 168 1.76 -29.07 26.72
C SER A 168 0.86 -30.30 26.50
N GLY A 169 1.28 -31.43 27.07
CA GLY A 169 0.55 -32.68 26.91
C GLY A 169 -0.89 -32.59 27.39
N ASP A 170 -1.06 -32.20 28.65
CA ASP A 170 -2.40 -32.06 29.23
C ASP A 170 -3.04 -30.74 28.79
N GLY A 171 -2.21 -29.80 28.35
CA GLY A 171 -2.67 -28.49 27.96
C GLY A 171 -2.93 -27.62 29.17
N THR A 172 -2.38 -28.03 30.32
CA THR A 172 -2.61 -27.32 31.58
C THR A 172 -1.29 -26.93 32.24
N HIS A 173 -0.17 -27.39 31.68
CA HIS A 173 1.14 -27.09 32.23
C HIS A 173 1.56 -25.66 31.86
N PRO A 174 1.84 -24.83 32.88
CA PRO A 174 2.22 -23.42 32.72
C PRO A 174 3.47 -23.23 31.85
N GLY A 175 4.31 -24.27 31.78
CA GLY A 175 5.51 -24.21 30.96
C GLY A 175 5.23 -24.42 29.48
N GLY A 176 4.01 -24.85 29.17
CA GLY A 176 3.61 -25.09 27.80
C GLY A 176 2.96 -23.87 27.16
N LEU A 177 2.84 -22.80 27.93
CA LEU A 177 2.25 -21.56 27.45
C LEU A 177 3.17 -20.86 26.45
N VAL A 178 2.85 -20.99 25.16
CA VAL A 178 3.70 -20.41 24.12
C VAL A 178 2.95 -19.41 23.24
N CYS A 179 3.71 -18.49 22.66
CA CYS A 179 3.19 -17.56 21.67
C CYS A 179 3.27 -18.22 20.30
N THR A 180 2.15 -18.26 19.60
CA THR A 180 2.04 -19.05 18.39
C THR A 180 0.85 -18.57 17.56
N PRO A 181 0.83 -18.92 16.25
CA PRO A 181 -0.38 -18.66 15.48
C PRO A 181 -1.59 -19.41 16.06
N ILE A 182 -2.62 -18.66 16.44
CA ILE A 182 -3.85 -19.24 16.97
C ILE A 182 -4.85 -19.44 15.84
N VAL A 183 -4.33 -19.61 14.63
CA VAL A 183 -5.17 -19.68 13.44
C VAL A 183 -4.81 -20.92 12.62
N ASP A 184 -5.80 -21.52 11.97
CA ASP A 184 -5.57 -22.71 11.13
C ASP A 184 -4.55 -22.44 10.02
N THR A 185 -4.09 -23.53 9.41
CA THR A 185 -2.98 -23.48 8.45
C THR A 185 -3.27 -22.61 7.22
N ALA A 186 -4.43 -22.81 6.61
CA ALA A 186 -4.78 -22.11 5.37
C ALA A 186 -4.79 -20.59 5.51
N THR A 187 -5.49 -20.11 6.53
CA THR A 187 -5.60 -18.66 6.76
C THR A 187 -4.22 -18.07 7.05
N LEU A 188 -3.43 -18.77 7.86
CA LEU A 188 -2.06 -18.35 8.15
C LEU A 188 -1.26 -18.22 6.86
N LYS A 189 -1.40 -19.22 5.98
CA LYS A 189 -0.80 -19.18 4.65
C LYS A 189 -1.23 -17.90 3.94
N VAL A 190 -2.51 -17.56 4.06
CA VAL A 190 -3.04 -16.37 3.42
C VAL A 190 -2.37 -15.07 3.91
N VAL A 191 -2.40 -14.83 5.22
CA VAL A 191 -1.82 -13.59 5.75
C VAL A 191 -0.31 -13.52 5.53
N ILE A 192 0.35 -14.67 5.56
CA ILE A 192 1.79 -14.72 5.32
C ILE A 192 2.10 -14.39 3.87
N GLN A 193 1.28 -14.91 2.96
CA GLN A 193 1.39 -14.60 1.54
C GLN A 193 1.23 -13.10 1.32
N VAL A 194 0.17 -12.54 1.90
CA VAL A 194 -0.11 -11.11 1.78
C VAL A 194 1.06 -10.27 2.28
N ASN A 195 1.62 -10.64 3.43
CA ASN A 195 2.77 -9.92 3.98
C ASN A 195 4.00 -10.04 3.08
N THR A 196 4.23 -11.23 2.53
CA THR A 196 5.37 -11.47 1.66
C THR A 196 5.28 -10.63 0.39
N PHE A 197 4.07 -10.52 -0.15
CA PHE A 197 3.85 -9.72 -1.36
C PHE A 197 3.96 -8.22 -1.07
N MET A 198 3.22 -7.75 -0.09
CA MET A 198 3.06 -6.32 0.15
C MET A 198 4.21 -5.66 0.89
N SER A 199 4.94 -6.43 1.68
CA SER A 199 6.03 -5.86 2.47
C SER A 199 7.40 -6.15 1.86
N PHE A 200 7.43 -7.05 0.87
CA PHE A 200 8.71 -7.45 0.28
C PHE A 200 8.72 -7.39 -1.24
N LEU A 201 8.09 -8.36 -1.89
CA LEU A 201 8.12 -8.51 -3.34
C LEU A 201 7.72 -7.25 -4.12
N PHE A 202 6.47 -6.83 -3.94
CA PHE A 202 5.93 -5.68 -4.67
C PHE A 202 6.72 -4.36 -4.48
N PRO A 203 6.86 -3.88 -3.23
CA PRO A 203 7.51 -2.57 -3.07
C PRO A 203 8.99 -2.59 -3.41
N MET A 204 9.66 -3.72 -3.23
CA MET A 204 11.08 -3.81 -3.58
C MET A 204 11.31 -3.99 -5.07
N LEU A 205 10.35 -4.61 -5.75
CA LEU A 205 10.40 -4.69 -7.21
C LEU A 205 10.25 -3.27 -7.77
N VAL A 206 9.24 -2.57 -7.26
CA VAL A 206 9.03 -1.17 -7.64
C VAL A 206 10.27 -0.32 -7.35
N ALA A 207 10.84 -0.48 -6.17
CA ALA A 207 11.99 0.30 -5.75
C ALA A 207 13.23 -0.01 -6.60
N SER A 208 13.38 -1.26 -6.99
CA SER A 208 14.52 -1.67 -7.81
C SER A 208 14.40 -1.12 -9.23
N ILE A 209 13.19 -1.18 -9.77
CA ILE A 209 12.92 -0.60 -11.09
C ILE A 209 13.20 0.91 -11.06
N LEU A 210 12.63 1.58 -10.07
CA LEU A 210 12.81 3.01 -9.90
C LEU A 210 14.28 3.38 -9.74
N ASN A 211 15.04 2.54 -9.03
CA ASN A 211 16.47 2.79 -8.85
C ASN A 211 17.27 2.56 -10.12
N THR A 212 16.84 1.62 -10.94
CA THR A 212 17.46 1.40 -12.24
C THR A 212 17.26 2.64 -13.10
N VAL A 213 16.02 3.11 -13.16
CA VAL A 213 15.68 4.32 -13.89
C VAL A 213 16.47 5.52 -13.36
N ILE A 214 16.64 5.56 -12.04
CA ILE A 214 17.41 6.60 -11.38
C ILE A 214 18.87 6.58 -11.83
N ALA A 215 19.44 5.38 -11.90
CA ALA A 215 20.82 5.21 -12.36
C ALA A 215 20.97 5.71 -13.79
N ASN A 216 20.09 5.24 -14.68
CA ASN A 216 20.13 5.64 -16.08
C ASN A 216 19.98 7.16 -16.27
N LYS A 217 19.01 7.74 -15.58
CA LYS A 217 18.76 9.18 -15.66
C LYS A 217 19.88 10.00 -15.05
N LEU A 218 20.57 9.43 -14.06
CA LEU A 218 21.73 10.07 -13.48
C LEU A 218 22.86 10.10 -14.50
N THR A 219 23.01 8.98 -15.21
CA THR A 219 23.99 8.88 -16.28
C THR A 219 23.71 9.92 -17.36
N VAL A 220 22.45 10.00 -17.80
CA VAL A 220 22.02 10.98 -18.80
C VAL A 220 22.28 12.41 -18.31
N MET A 221 22.01 12.66 -17.04
CA MET A 221 22.22 13.98 -16.46
C MET A 221 23.70 14.36 -16.44
N VAL A 222 24.55 13.41 -16.06
CA VAL A 222 25.99 13.63 -16.06
C VAL A 222 26.48 13.92 -17.48
N HIS A 223 25.91 13.22 -18.45
CA HIS A 223 26.28 13.42 -19.85
C HIS A 223 25.77 14.75 -20.39
N GLN A 224 24.75 15.31 -19.75
CA GLN A 224 24.18 16.58 -20.16
C GLN A 224 25.10 17.74 -19.80
N PRO A 233 26.79 21.97 -9.99
CA PRO A 233 27.44 22.36 -8.73
C PRO A 233 27.56 21.18 -7.77
N GLY A 234 27.23 21.40 -6.50
CA GLY A 234 27.24 20.34 -5.52
C GLY A 234 26.01 19.48 -5.61
N ARG A 235 25.04 19.93 -6.40
CA ARG A 235 23.80 19.21 -6.60
C ARG A 235 24.05 17.85 -7.25
N VAL A 236 24.99 17.81 -8.19
CA VAL A 236 25.35 16.57 -8.85
C VAL A 236 26.03 15.61 -7.87
N GLN A 237 26.89 16.15 -7.01
CA GLN A 237 27.57 15.35 -5.99
C GLN A 237 26.56 14.73 -5.02
N ALA A 238 25.70 15.57 -4.45
CA ALA A 238 24.68 15.11 -3.51
C ALA A 238 23.73 14.12 -4.17
N LEU A 239 23.41 14.35 -5.44
CA LEU A 239 22.54 13.47 -6.19
C LEU A 239 23.17 12.09 -6.38
N ARG A 240 24.43 12.07 -6.80
CA ARG A 240 25.16 10.81 -6.97
C ARG A 240 25.23 10.05 -5.66
N ARG A 241 25.55 10.78 -4.59
CA ARG A 241 25.57 10.21 -3.25
C ARG A 241 24.24 9.54 -2.93
N GLY A 242 23.14 10.28 -3.11
CA GLY A 242 21.81 9.76 -2.86
C GLY A 242 21.50 8.51 -3.67
N VAL A 243 21.97 8.50 -4.92
CA VAL A 243 21.78 7.35 -5.81
C VAL A 243 22.46 6.11 -5.26
N LEU A 244 23.76 6.23 -4.99
CA LEU A 244 24.52 5.09 -4.45
C LEU A 244 23.94 4.60 -3.12
N VAL A 245 23.62 5.55 -2.24
CA VAL A 245 23.02 5.23 -0.94
C VAL A 245 21.75 4.44 -1.13
N LEU A 246 20.80 4.99 -1.88
CA LEU A 246 19.50 4.35 -2.07
C LEU A 246 19.63 2.97 -2.70
N ARG A 247 20.54 2.85 -3.66
CA ARG A 247 20.82 1.55 -4.27
C ARG A 247 21.26 0.55 -3.20
N ALA A 248 22.21 0.98 -2.37
CA ALA A 248 22.72 0.15 -1.29
C ALA A 248 21.63 -0.25 -0.30
N VAL A 249 20.70 0.67 -0.03
CA VAL A 249 19.60 0.42 0.90
C VAL A 249 18.63 -0.60 0.34
N VAL A 250 18.30 -0.46 -0.94
CA VAL A 250 17.41 -1.40 -1.61
C VAL A 250 18.02 -2.80 -1.63
N ILE A 251 19.27 -2.89 -2.08
CA ILE A 251 19.97 -4.17 -2.14
C ILE A 251 20.05 -4.82 -0.75
N ALA A 252 20.44 -4.03 0.25
CA ALA A 252 20.54 -4.53 1.61
C ALA A 252 19.19 -5.02 2.14
N PHE A 253 18.14 -4.30 1.82
CA PHE A 253 16.80 -4.68 2.25
C PHE A 253 16.42 -6.02 1.64
N VAL A 254 16.61 -6.14 0.32
CA VAL A 254 16.28 -7.38 -0.39
C VAL A 254 17.06 -8.56 0.16
N VAL A 255 18.38 -8.42 0.27
CA VAL A 255 19.24 -9.48 0.76
C VAL A 255 18.90 -9.90 2.20
N CYS A 256 18.73 -8.91 3.08
CA CYS A 256 18.45 -9.19 4.47
C CYS A 256 17.08 -9.83 4.68
N TRP A 257 16.08 -9.36 3.95
CA TRP A 257 14.70 -9.81 4.17
C TRP A 257 14.31 -11.02 3.32
N LEU A 258 15.16 -11.41 2.37
CA LEU A 258 14.85 -12.56 1.52
C LEU A 258 14.73 -13.90 2.27
N PRO A 259 15.75 -14.29 3.06
CA PRO A 259 15.63 -15.59 3.74
C PRO A 259 14.54 -15.57 4.82
N TYR A 260 14.28 -14.40 5.38
CA TYR A 260 13.26 -14.25 6.42
C TYR A 260 11.89 -14.71 5.94
N HIS A 261 11.47 -14.21 4.79
CA HIS A 261 10.17 -14.58 4.23
C HIS A 261 10.13 -16.03 3.77
N VAL A 262 11.28 -16.55 3.37
CA VAL A 262 11.38 -17.95 2.98
C VAL A 262 11.11 -18.87 4.17
N ARG A 263 11.59 -18.46 5.34
CA ARG A 263 11.42 -19.24 6.56
C ARG A 263 9.96 -19.29 7.00
N ARG A 264 9.27 -18.15 6.94
CA ARG A 264 7.88 -18.06 7.36
C ARG A 264 6.97 -18.81 6.41
N LEU A 265 7.34 -18.84 5.14
CA LEU A 265 6.64 -19.66 4.15
C LEU A 265 6.92 -21.13 4.45
N MET A 266 8.14 -21.41 4.87
CA MET A 266 8.56 -22.77 5.22
C MET A 266 7.82 -23.26 6.47
N PHE A 267 7.46 -22.32 7.33
CA PHE A 267 6.80 -22.64 8.58
C PHE A 267 5.42 -23.26 8.39
N CYS A 268 4.71 -22.82 7.35
CA CYS A 268 3.32 -23.23 7.16
C CYS A 268 3.08 -24.10 5.92
N TYR A 269 4.04 -24.13 5.01
CA TYR A 269 3.84 -24.87 3.75
C TYR A 269 4.35 -26.31 3.79
N ILE A 270 5.21 -26.63 4.75
CA ILE A 270 5.69 -28.00 4.90
C ILE A 270 4.66 -28.85 5.64
N SER A 271 4.26 -29.95 5.03
CA SER A 271 3.25 -30.83 5.62
C SER A 271 3.74 -31.52 6.88
N ASP A 272 2.81 -32.04 7.67
CA ASP A 272 3.12 -32.67 8.95
C ASP A 272 3.97 -33.92 8.80
N GLU A 273 3.77 -34.65 7.71
CA GLU A 273 4.50 -35.90 7.48
C GLU A 273 5.94 -35.66 7.04
N GLN A 274 6.21 -34.46 6.53
CA GLN A 274 7.56 -34.14 6.06
C GLN A 274 8.44 -33.58 7.18
N TRP A 275 7.82 -33.04 8.21
CA TRP A 275 8.55 -32.46 9.33
C TRP A 275 9.31 -33.52 10.14
N THR A 276 10.62 -33.59 9.92
CA THR A 276 11.48 -34.48 10.69
C THR A 276 12.19 -33.70 11.79
N THR A 277 13.01 -34.39 12.58
CA THR A 277 13.81 -33.73 13.60
C THR A 277 14.85 -32.83 12.94
N PHE A 278 15.38 -33.31 11.82
CA PHE A 278 16.34 -32.57 11.02
C PHE A 278 15.77 -31.23 10.59
N LEU A 279 14.58 -31.26 9.99
CA LEU A 279 13.93 -30.04 9.54
C LEU A 279 13.56 -29.11 10.68
N PHE A 280 13.42 -29.68 11.88
CA PHE A 280 13.09 -28.91 13.07
C PHE A 280 14.32 -28.11 13.51
N ASP A 281 15.40 -28.83 13.82
CA ASP A 281 16.65 -28.19 14.24
C ASP A 281 17.12 -27.20 13.17
N PHE A 282 17.06 -27.63 11.92
CA PHE A 282 17.40 -26.78 10.79
C PHE A 282 16.52 -25.53 10.76
N TYR A 283 15.23 -25.71 11.04
CA TYR A 283 14.31 -24.57 11.06
C TYR A 283 14.73 -23.54 12.09
N HIS A 284 15.17 -24.01 13.26
CA HIS A 284 15.55 -23.07 14.31
C HIS A 284 16.92 -22.40 14.13
N TYR A 285 17.90 -23.16 13.63
CA TYR A 285 19.18 -22.55 13.27
C TYR A 285 18.98 -21.52 12.16
N PHE A 286 18.12 -21.88 11.21
CA PHE A 286 17.76 -20.98 10.12
C PHE A 286 17.03 -19.76 10.67
N TYR A 287 16.28 -19.95 11.75
CA TYR A 287 15.62 -18.83 12.43
C TYR A 287 16.69 -17.86 12.93
N MET A 288 17.68 -18.42 13.61
CA MET A 288 18.82 -17.62 14.07
C MET A 288 19.42 -16.82 12.92
N LEU A 289 19.69 -17.50 11.81
CA LEU A 289 20.30 -16.85 10.65
C LEU A 289 19.45 -15.70 10.10
N THR A 290 18.23 -16.02 9.68
CA THR A 290 17.34 -15.04 9.06
C THR A 290 17.08 -13.83 9.96
N ASN A 291 16.84 -14.08 11.24
CA ASN A 291 16.58 -12.97 12.17
C ASN A 291 17.83 -12.13 12.44
N ALA A 292 18.99 -12.79 12.48
CA ALA A 292 20.27 -12.08 12.55
C ALA A 292 20.38 -11.12 11.36
N LEU A 293 20.00 -11.62 10.19
CA LEU A 293 19.97 -10.78 8.99
C LEU A 293 18.99 -9.63 9.12
N VAL A 294 17.85 -9.88 9.76
CA VAL A 294 16.85 -8.86 10.01
C VAL A 294 17.44 -7.71 10.82
N TYR A 295 18.16 -8.05 11.88
CA TYR A 295 18.79 -7.02 12.71
C TYR A 295 19.97 -6.35 12.00
N VAL A 296 20.62 -7.09 11.10
CA VAL A 296 21.63 -6.49 10.23
C VAL A 296 20.99 -5.38 9.41
N SER A 297 19.81 -5.67 8.88
CA SER A 297 19.02 -4.66 8.16
C SER A 297 18.66 -3.51 9.08
N ALA A 298 18.40 -3.83 10.35
CA ALA A 298 18.05 -2.81 11.34
C ALA A 298 19.23 -1.91 11.69
N ALA A 299 20.44 -2.38 11.39
CA ALA A 299 21.64 -1.62 11.76
C ALA A 299 22.47 -1.11 10.57
N ILE A 300 22.04 -1.42 9.35
CA ILE A 300 22.84 -1.12 8.17
C ILE A 300 22.83 0.35 7.72
N ASN A 301 21.67 0.99 7.80
CA ASN A 301 21.51 2.35 7.26
C ASN A 301 22.45 3.45 7.79
N PRO A 302 22.59 3.58 9.12
CA PRO A 302 23.48 4.64 9.63
C PRO A 302 24.94 4.43 9.22
N ILE A 303 25.33 3.17 9.02
CA ILE A 303 26.69 2.84 8.60
C ILE A 303 26.94 3.35 7.19
N LEU A 304 25.96 3.18 6.31
CA LEU A 304 26.08 3.62 4.93
C LEU A 304 26.18 5.13 4.83
N TYR A 305 25.42 5.84 5.66
CA TYR A 305 25.40 7.29 5.65
C TYR A 305 26.77 7.88 5.96
N ASN A 306 27.46 7.26 6.93
CA ASN A 306 28.78 7.72 7.34
C ASN A 306 29.86 7.49 6.29
N LEU A 307 29.73 6.41 5.53
CA LEU A 307 30.73 6.06 4.52
C LEU A 307 30.71 7.01 3.33
N VAL A 308 29.53 7.23 2.77
CA VAL A 308 29.39 8.00 1.54
C VAL A 308 29.54 9.51 1.75
N SER A 309 28.98 10.01 2.85
CA SER A 309 28.95 11.45 3.09
C SER A 309 29.94 11.86 4.19
N ALA A 310 30.85 12.76 3.86
CA ALA A 310 31.82 13.26 4.81
C ALA A 310 31.15 14.15 5.85
N ASN A 311 30.15 14.91 5.41
CA ASN A 311 29.42 15.82 6.28
C ASN A 311 28.71 15.07 7.41
N PHE A 312 27.80 14.18 7.04
CA PHE A 312 27.03 13.40 7.99
C PHE A 312 27.95 12.60 8.91
N ARG A 313 29.11 12.22 8.40
CA ARG A 313 30.10 11.52 9.20
C ARG A 313 30.69 12.46 10.25
N GLN A 314 30.99 13.69 9.83
CA GLN A 314 31.53 14.70 10.73
C GLN A 314 30.54 15.06 11.84
N VAL A 315 29.26 15.10 11.50
CA VAL A 315 28.23 15.43 12.50
C VAL A 315 27.96 14.24 13.42
N PHE A 316 27.95 13.04 12.83
CA PHE A 316 27.81 11.79 13.58
C PHE A 316 28.91 11.71 14.63
N LEU A 317 30.11 12.08 14.22
CA LEU A 317 31.25 12.09 15.14
C LEU A 317 31.21 13.31 16.05
N SER A 318 30.43 14.32 15.66
CA SER A 318 30.25 15.50 16.50
C SER A 318 29.46 15.14 17.74
N THR A 319 28.39 14.36 17.55
CA THR A 319 27.61 13.89 18.69
C THR A 319 28.40 12.96 19.59
N LEU A 320 28.85 11.86 18.99
CA LEU A 320 29.58 10.82 19.70
C LEU A 320 30.81 11.38 20.41
N SER B 3 -39.52 25.07 6.88
CA SER B 3 -40.60 24.12 7.07
C SER B 3 -40.42 23.31 8.35
N GLY B 4 -40.93 22.09 8.33
CA GLY B 4 -40.82 21.21 9.49
C GLY B 4 -40.51 19.77 9.09
N PRO B 5 -40.04 18.97 10.06
CA PRO B 5 -39.81 19.36 11.45
C PRO B 5 -38.50 20.13 11.61
N ASN B 6 -38.15 20.50 12.85
CA ASN B 6 -36.97 21.29 13.11
C ASN B 6 -35.65 20.52 13.03
N SER B 7 -35.53 19.70 11.98
CA SER B 7 -34.28 19.01 11.68
C SER B 7 -33.78 19.52 10.34
N ASP B 8 -33.37 20.79 10.32
CA ASP B 8 -32.96 21.44 9.08
C ASP B 8 -31.64 20.92 8.51
N LEU B 9 -31.63 19.64 8.14
CA LEU B 9 -30.47 19.05 7.49
C LEU B 9 -30.71 18.99 5.99
N ASP B 10 -31.68 19.78 5.53
CA ASP B 10 -32.07 19.80 4.13
C ASP B 10 -30.98 20.41 3.25
N VAL B 11 -30.63 19.72 2.17
CA VAL B 11 -29.67 20.24 1.21
C VAL B 11 -30.40 20.95 0.07
N ASN B 12 -30.15 22.25 -0.06
CA ASN B 12 -30.84 23.06 -1.05
C ASN B 12 -30.24 22.99 -2.45
N THR B 13 -30.53 21.91 -3.16
CA THR B 13 -30.12 21.77 -4.55
C THR B 13 -31.35 21.58 -5.43
N ASP B 14 -31.43 22.37 -6.50
CA ASP B 14 -32.62 22.39 -7.36
C ASP B 14 -32.91 21.05 -8.02
N ILE B 15 -34.17 20.87 -8.42
CA ILE B 15 -34.62 19.62 -9.03
C ILE B 15 -33.98 19.38 -10.38
N TYR B 16 -33.70 20.46 -11.11
CA TYR B 16 -33.07 20.38 -12.43
C TYR B 16 -31.72 19.65 -12.34
N SER B 17 -30.86 20.11 -11.44
CA SER B 17 -29.56 19.50 -11.24
C SER B 17 -29.69 18.06 -10.75
N LYS B 18 -30.70 17.79 -9.93
CA LYS B 18 -30.92 16.45 -9.42
C LYS B 18 -31.29 15.47 -10.54
N VAL B 19 -32.16 15.91 -11.44
CA VAL B 19 -32.58 15.10 -12.58
C VAL B 19 -31.43 14.89 -13.56
N LEU B 20 -30.67 15.96 -13.81
CA LEU B 20 -29.52 15.87 -14.70
C LEU B 20 -28.49 14.87 -14.16
N VAL B 21 -28.14 15.03 -12.89
CA VAL B 21 -27.19 14.15 -12.23
C VAL B 21 -27.70 12.70 -12.20
N THR B 22 -28.98 12.53 -11.94
CA THR B 22 -29.60 11.21 -11.95
C THR B 22 -29.45 10.56 -13.32
N ALA B 23 -29.72 11.33 -14.36
CA ALA B 23 -29.62 10.85 -15.74
C ALA B 23 -28.19 10.43 -16.08
N ILE B 24 -27.23 11.29 -15.75
CA ILE B 24 -25.82 10.98 -15.95
C ILE B 24 -25.43 9.69 -15.22
N TYR B 25 -25.90 9.59 -13.98
CA TYR B 25 -25.67 8.40 -13.16
C TYR B 25 -26.22 7.14 -13.80
N LEU B 26 -27.40 7.26 -14.42
CA LEU B 26 -28.03 6.11 -15.07
C LEU B 26 -27.29 5.70 -16.34
N ALA B 27 -26.87 6.68 -17.13
CA ALA B 27 -26.10 6.41 -18.34
C ALA B 27 -24.78 5.72 -17.99
N LEU B 28 -24.06 6.29 -17.03
CA LEU B 28 -22.82 5.69 -16.55
C LEU B 28 -23.07 4.32 -15.94
N PHE B 29 -24.27 4.13 -15.39
CA PHE B 29 -24.65 2.84 -14.80
C PHE B 29 -24.77 1.78 -15.88
N VAL B 30 -25.60 2.02 -16.89
CA VAL B 30 -25.78 1.03 -17.93
C VAL B 30 -24.50 0.79 -18.73
N VAL B 31 -23.81 1.86 -19.13
CA VAL B 31 -22.58 1.73 -19.88
C VAL B 31 -21.51 0.98 -19.09
N GLY B 32 -21.33 1.37 -17.84
CA GLY B 32 -20.33 0.75 -16.98
C GLY B 32 -20.62 -0.70 -16.68
N THR B 33 -21.86 -0.99 -16.27
CA THR B 33 -22.25 -2.35 -15.92
C THR B 33 -22.18 -3.28 -17.13
N VAL B 34 -22.77 -2.88 -18.25
CA VAL B 34 -22.74 -3.68 -19.46
C VAL B 34 -21.30 -3.90 -19.92
N GLY B 35 -20.53 -2.82 -20.00
CA GLY B 35 -19.14 -2.89 -20.42
C GLY B 35 -18.30 -3.84 -19.57
N ASN B 36 -18.34 -3.64 -18.26
CA ASN B 36 -17.54 -4.45 -17.34
C ASN B 36 -18.00 -5.91 -17.27
N SER B 37 -19.31 -6.13 -17.39
CA SER B 37 -19.84 -7.49 -17.36
C SER B 37 -19.44 -8.26 -18.61
N VAL B 38 -19.61 -7.63 -19.78
CA VAL B 38 -19.22 -8.24 -21.04
C VAL B 38 -17.71 -8.46 -21.07
N THR B 39 -16.97 -7.56 -20.44
CA THR B 39 -15.52 -7.70 -20.31
C THR B 39 -15.17 -8.94 -19.48
N LEU B 40 -15.82 -9.07 -18.32
CA LEU B 40 -15.60 -10.21 -17.44
C LEU B 40 -15.95 -11.53 -18.10
N PHE B 41 -17.01 -11.53 -18.90
CA PHE B 41 -17.41 -12.72 -19.63
C PHE B 41 -16.43 -13.03 -20.76
N THR B 42 -15.83 -11.97 -21.29
CA THR B 42 -14.84 -12.10 -22.36
C THR B 42 -13.56 -12.73 -21.84
N LEU B 43 -13.12 -12.29 -20.67
CA LEU B 43 -11.89 -12.79 -20.08
C LEU B 43 -11.99 -14.25 -19.65
N ALA B 44 -13.21 -14.74 -19.49
CA ALA B 44 -13.44 -16.13 -19.11
C ALA B 44 -13.69 -17.01 -20.32
N ARG B 45 -13.12 -16.63 -21.45
CA ARG B 45 -13.28 -17.38 -22.70
C ARG B 45 -12.08 -17.19 -23.62
N LEU B 52 1.13 -15.10 -21.95
CA LEU B 52 1.77 -13.83 -21.60
C LEU B 52 0.72 -12.76 -21.37
N GLN B 53 -0.39 -12.84 -22.09
CA GLN B 53 -1.48 -11.88 -21.95
C GLN B 53 -2.48 -12.39 -20.91
N SER B 54 -2.46 -13.70 -20.67
CA SER B 54 -3.42 -14.35 -19.77
C SER B 54 -3.37 -13.79 -18.35
N THR B 55 -2.19 -13.38 -17.91
CA THR B 55 -2.01 -12.84 -16.58
C THR B 55 -2.55 -11.42 -16.49
N VAL B 56 -2.44 -10.68 -17.58
CA VAL B 56 -2.96 -9.32 -17.66
C VAL B 56 -4.48 -9.34 -17.56
N ASP B 57 -5.07 -10.40 -18.12
CA ASP B 57 -6.51 -10.59 -18.08
C ASP B 57 -7.02 -10.69 -16.64
N TYR B 58 -6.16 -11.17 -15.74
CA TYR B 58 -6.50 -11.24 -14.32
C TYR B 58 -6.62 -9.85 -13.71
N TYR B 59 -5.65 -8.99 -14.01
CA TYR B 59 -5.68 -7.60 -13.54
C TYR B 59 -6.89 -6.87 -14.11
N LEU B 60 -7.14 -7.07 -15.40
CA LEU B 60 -8.29 -6.48 -16.07
C LEU B 60 -9.61 -6.93 -15.42
N GLY B 61 -9.68 -8.21 -15.09
CA GLY B 61 -10.85 -8.76 -14.43
C GLY B 61 -11.04 -8.19 -13.05
N SER B 62 -9.93 -7.97 -12.35
CA SER B 62 -9.98 -7.36 -11.03
C SER B 62 -10.53 -5.93 -11.12
N LEU B 63 -10.04 -5.19 -12.11
CA LEU B 63 -10.52 -3.83 -12.36
C LEU B 63 -12.01 -3.82 -12.64
N ALA B 64 -12.44 -4.70 -13.55
CA ALA B 64 -13.85 -4.80 -13.93
C ALA B 64 -14.72 -5.15 -12.73
N LEU B 65 -14.23 -6.04 -11.86
CA LEU B 65 -14.96 -6.41 -10.65
C LEU B 65 -15.09 -5.21 -9.72
N SER B 66 -13.98 -4.48 -9.55
CA SER B 66 -13.96 -3.30 -8.69
C SER B 66 -14.94 -2.24 -9.21
N ASP B 67 -15.11 -2.18 -10.53
CA ASP B 67 -16.07 -1.27 -11.13
C ASP B 67 -17.51 -1.74 -10.87
N LEU B 68 -17.76 -3.01 -11.11
CA LEU B 68 -19.10 -3.58 -10.95
C LEU B 68 -19.61 -3.48 -9.51
N LEU B 69 -18.71 -3.66 -8.54
CA LEU B 69 -19.09 -3.55 -7.14
C LEU B 69 -19.62 -2.15 -6.82
N ILE B 70 -18.87 -1.13 -7.25
CA ILE B 70 -19.26 0.26 -7.07
C ILE B 70 -20.58 0.56 -7.77
N LEU B 71 -20.69 0.16 -9.03
CA LEU B 71 -21.87 0.46 -9.84
C LEU B 71 -23.14 -0.21 -9.31
N LEU B 72 -23.01 -1.44 -8.82
CA LEU B 72 -24.17 -2.20 -8.37
C LEU B 72 -24.56 -1.90 -6.92
N LEU B 73 -23.57 -1.62 -6.08
CA LEU B 73 -23.84 -1.43 -4.65
C LEU B 73 -23.85 0.04 -4.22
N ALA B 74 -22.81 0.78 -4.61
CA ALA B 74 -22.65 2.16 -4.15
C ALA B 74 -23.60 3.15 -4.82
N MET B 75 -23.89 2.92 -6.10
CA MET B 75 -24.72 3.85 -6.87
C MET B 75 -26.16 4.06 -6.37
N PRO B 76 -26.93 2.97 -6.18
CA PRO B 76 -28.31 3.20 -5.76
C PRO B 76 -28.41 3.80 -4.36
N VAL B 77 -27.47 3.44 -3.48
CA VAL B 77 -27.43 3.98 -2.12
C VAL B 77 -27.14 5.48 -2.13
N GLU B 78 -26.13 5.88 -2.89
CA GLU B 78 -25.76 7.28 -3.00
C GLU B 78 -26.83 8.09 -3.70
N LEU B 79 -27.35 7.55 -4.81
CA LEU B 79 -28.36 8.26 -5.60
C LEU B 79 -29.62 8.54 -4.77
N TYR B 80 -29.87 7.71 -3.77
CA TYR B 80 -31.03 7.88 -2.91
C TYR B 80 -30.74 8.79 -1.72
N ASN B 81 -29.64 8.53 -1.02
CA ASN B 81 -29.37 9.21 0.25
C ASN B 81 -28.36 10.36 0.18
N PHE B 82 -27.76 10.58 -1.00
CA PHE B 82 -26.76 11.62 -1.13
C PHE B 82 -27.09 12.62 -2.24
N ILE B 83 -28.05 12.27 -3.10
CA ILE B 83 -28.46 13.15 -4.18
C ILE B 83 -29.90 13.65 -3.97
N TRP B 84 -30.81 12.72 -3.67
CA TRP B 84 -32.22 13.08 -3.49
C TRP B 84 -32.58 13.30 -2.03
N VAL B 85 -32.84 12.21 -1.31
CA VAL B 85 -33.22 12.29 0.10
C VAL B 85 -31.98 12.36 0.99
N HIS B 86 -31.56 13.57 1.34
CA HIS B 86 -30.35 13.78 2.10
C HIS B 86 -30.49 13.36 3.57
N HIS B 87 -31.73 13.28 4.03
CA HIS B 87 -32.01 12.88 5.41
C HIS B 87 -33.44 12.37 5.55
N PRO B 88 -33.65 11.34 6.39
CA PRO B 88 -32.62 10.67 7.19
C PRO B 88 -31.94 9.53 6.44
N TRP B 89 -30.89 8.98 7.03
CA TRP B 89 -30.19 7.83 6.46
C TRP B 89 -31.06 6.58 6.61
N ALA B 90 -31.28 5.88 5.51
CA ALA B 90 -32.23 4.77 5.49
C ALA B 90 -31.58 3.41 5.23
N PHE B 91 -30.29 3.28 5.53
CA PHE B 91 -29.59 2.02 5.31
C PHE B 91 -28.88 1.49 6.54
N GLY B 92 -29.00 2.21 7.65
CA GLY B 92 -28.45 1.77 8.92
C GLY B 92 -26.97 2.02 9.08
N ASP B 93 -26.48 1.80 10.30
CA ASP B 93 -25.08 2.02 10.64
C ASP B 93 -24.17 1.13 9.81
N ALA B 94 -24.54 -0.14 9.70
CA ALA B 94 -23.76 -1.10 8.92
C ALA B 94 -23.80 -0.76 7.43
N GLY B 95 -24.89 -0.13 7.00
CA GLY B 95 -25.00 0.34 5.63
C GLY B 95 -24.05 1.49 5.37
N CYS B 96 -23.97 2.40 6.34
CA CYS B 96 -23.03 3.52 6.25
C CYS B 96 -21.58 3.05 6.18
N ARG B 97 -21.17 2.38 7.26
CA ARG B 97 -19.81 1.87 7.39
C ARG B 97 -19.43 0.99 6.20
N GLY B 98 -20.35 0.10 5.82
CA GLY B 98 -20.13 -0.79 4.69
C GLY B 98 -19.97 -0.04 3.38
N TYR B 99 -20.78 1.01 3.21
CA TYR B 99 -20.70 1.87 2.03
C TYR B 99 -19.30 2.47 1.89
N TYR B 100 -18.90 3.23 2.91
CA TYR B 100 -17.60 3.91 2.85
C TYR B 100 -16.41 2.94 2.75
N PHE B 101 -16.48 1.86 3.54
CA PHE B 101 -15.45 0.82 3.51
C PHE B 101 -15.32 0.22 2.11
N LEU B 102 -16.45 -0.09 1.49
CA LEU B 102 -16.46 -0.65 0.14
C LEU B 102 -15.83 0.32 -0.86
N ARG B 103 -16.24 1.59 -0.78
CA ARG B 103 -15.67 2.61 -1.66
C ARG B 103 -14.15 2.66 -1.55
N ASP B 104 -13.65 2.86 -0.33
CA ASP B 104 -12.21 2.91 -0.10
C ASP B 104 -11.48 1.67 -0.62
N ALA B 105 -12.01 0.50 -0.26
CA ALA B 105 -11.43 -0.78 -0.67
C ALA B 105 -11.30 -0.86 -2.19
N CYS B 106 -12.37 -0.51 -2.89
CA CYS B 106 -12.36 -0.54 -4.36
C CYS B 106 -11.33 0.44 -4.94
N THR B 107 -11.25 1.63 -4.36
CA THR B 107 -10.25 2.61 -4.79
C THR B 107 -8.82 2.05 -4.67
N TYR B 108 -8.50 1.55 -3.48
CA TYR B 108 -7.18 0.97 -3.22
C TYR B 108 -6.87 -0.17 -4.19
N ALA B 109 -7.83 -1.07 -4.36
CA ALA B 109 -7.67 -2.20 -5.27
C ALA B 109 -7.36 -1.73 -6.68
N THR B 110 -8.11 -0.73 -7.14
CA THR B 110 -7.91 -0.17 -8.47
C THR B 110 -6.51 0.41 -8.64
N ALA B 111 -6.11 1.26 -7.70
CA ALA B 111 -4.80 1.89 -7.75
C ALA B 111 -3.66 0.87 -7.77
N LEU B 112 -3.73 -0.08 -6.84
CA LEU B 112 -2.71 -1.12 -6.74
C LEU B 112 -2.65 -1.97 -8.02
N ASN B 113 -3.81 -2.24 -8.60
CA ASN B 113 -3.87 -2.96 -9.86
C ASN B 113 -3.22 -2.17 -11.01
N VAL B 114 -3.42 -0.87 -10.99
CA VAL B 114 -2.81 0.01 -12.01
C VAL B 114 -1.29 0.00 -11.89
N VAL B 115 -0.79 0.16 -10.67
CA VAL B 115 0.65 0.13 -10.44
C VAL B 115 1.23 -1.23 -10.84
N SER B 116 0.53 -2.29 -10.48
CA SER B 116 0.94 -3.64 -10.84
C SER B 116 1.02 -3.83 -12.35
N LEU B 117 0.03 -3.31 -13.06
CA LEU B 117 0.02 -3.37 -14.52
C LEU B 117 1.17 -2.55 -15.11
N SER B 118 1.51 -1.45 -14.45
CA SER B 118 2.65 -0.63 -14.87
C SER B 118 3.94 -1.43 -14.75
N VAL B 119 4.11 -2.11 -13.63
CA VAL B 119 5.28 -2.95 -13.41
C VAL B 119 5.35 -4.08 -14.43
N GLU B 120 4.24 -4.77 -14.64
CA GLU B 120 4.16 -5.87 -15.59
C GLU B 120 4.52 -5.42 -17.00
N LEU B 121 3.96 -4.30 -17.42
CA LEU B 121 4.22 -3.76 -18.75
C LEU B 121 5.68 -3.33 -18.89
N TYR B 122 6.23 -2.76 -17.83
CA TYR B 122 7.63 -2.36 -17.82
C TYR B 122 8.54 -3.56 -18.01
N LEU B 123 8.31 -4.61 -17.22
CA LEU B 123 9.12 -5.82 -17.29
C LEU B 123 8.93 -6.55 -18.61
N ALA B 124 7.75 -6.38 -19.22
CA ALA B 124 7.47 -7.02 -20.50
C ALA B 124 8.14 -6.28 -21.64
N ILE B 125 8.31 -4.97 -21.50
CA ILE B 125 8.89 -4.17 -22.57
C ILE B 125 10.42 -4.06 -22.46
N CYS B 126 10.94 -4.16 -21.25
CA CYS B 126 12.38 -4.11 -21.05
C CYS B 126 13.04 -5.46 -21.33
N HIS B 127 12.26 -6.52 -21.19
CA HIS B 127 12.73 -7.86 -21.49
C HIS B 127 11.77 -8.54 -22.46
N PRO B 128 11.72 -8.06 -23.71
CA PRO B 128 10.70 -8.45 -24.69
C PRO B 128 10.76 -9.94 -25.06
N PHE B 129 11.90 -10.58 -24.83
CA PHE B 129 12.06 -11.98 -25.19
C PHE B 129 11.79 -12.92 -24.02
N LYS B 130 12.57 -12.78 -22.96
CA LYS B 130 12.45 -13.66 -21.81
C LYS B 130 11.82 -13.00 -20.60
N ALA B 131 10.69 -12.33 -20.82
CA ALA B 131 9.90 -11.84 -19.71
C ALA B 131 9.04 -12.99 -19.20
N LYS B 132 8.75 -13.93 -20.11
CA LYS B 132 7.71 -14.92 -19.90
C LYS B 132 6.50 -14.15 -19.40
N THR B 133 6.25 -14.31 -18.10
CA THR B 133 5.45 -13.36 -17.34
C THR B 133 5.96 -13.45 -15.91
N LEU B 134 5.80 -12.37 -15.16
CA LEU B 134 6.40 -12.23 -13.84
C LEU B 134 6.13 -13.40 -12.91
N MET B 135 4.95 -13.98 -13.02
CA MET B 135 4.56 -15.06 -12.13
C MET B 135 3.86 -16.19 -12.86
N SER B 136 3.66 -17.28 -12.14
CA SER B 136 2.79 -18.34 -12.60
C SER B 136 1.36 -17.86 -12.41
N ARG B 137 0.41 -18.56 -13.01
CA ARG B 137 -1.00 -18.17 -12.92
C ARG B 137 -1.50 -18.22 -11.47
N SER B 138 -1.08 -19.26 -10.75
CA SER B 138 -1.44 -19.40 -9.35
C SER B 138 -0.87 -18.27 -8.51
N ARG B 139 0.39 -17.92 -8.76
CA ARG B 139 1.04 -16.83 -8.05
C ARG B 139 0.39 -15.49 -8.38
N THR B 140 -0.01 -15.32 -9.63
CA THR B 140 -0.64 -14.08 -10.07
C THR B 140 -2.00 -13.91 -9.40
N LYS B 141 -2.77 -14.99 -9.35
CA LYS B 141 -4.06 -14.98 -8.65
C LYS B 141 -3.87 -14.70 -7.17
N LYS B 142 -2.84 -15.33 -6.58
CA LYS B 142 -2.47 -15.08 -5.19
C LYS B 142 -2.17 -13.60 -4.97
N PHE B 143 -1.54 -12.97 -5.95
CA PHE B 143 -1.15 -11.57 -5.86
C PHE B 143 -2.37 -10.65 -6.00
N ILE B 144 -3.32 -11.04 -6.85
CA ILE B 144 -4.57 -10.30 -6.98
C ILE B 144 -5.31 -10.33 -5.65
N SER B 145 -5.42 -11.54 -5.08
CA SER B 145 -6.04 -11.72 -3.78
C SER B 145 -5.35 -10.87 -2.72
N ALA B 146 -4.03 -10.86 -2.75
CA ALA B 146 -3.24 -10.07 -1.82
C ALA B 146 -3.53 -8.58 -1.97
N ILE B 147 -3.69 -8.13 -3.20
CA ILE B 147 -4.04 -6.75 -3.49
C ILE B 147 -5.39 -6.39 -2.89
N TRP B 148 -6.37 -7.25 -3.10
CA TRP B 148 -7.72 -7.04 -2.55
C TRP B 148 -7.73 -7.00 -1.02
N LEU B 149 -7.04 -7.96 -0.41
CA LEU B 149 -6.97 -8.04 1.04
C LEU B 149 -6.28 -6.82 1.64
N ALA B 150 -5.18 -6.41 1.00
CA ALA B 150 -4.46 -5.22 1.44
C ALA B 150 -5.37 -4.00 1.31
N SER B 151 -6.19 -3.99 0.26
CA SER B 151 -7.14 -2.90 0.03
C SER B 151 -8.17 -2.84 1.16
N ALA B 152 -8.65 -3.99 1.58
CA ALA B 152 -9.59 -4.05 2.70
C ALA B 152 -8.93 -3.55 3.98
N LEU B 153 -7.70 -4.00 4.22
CA LEU B 153 -6.93 -3.57 5.39
C LEU B 153 -6.74 -2.06 5.41
N LEU B 154 -6.52 -1.47 4.24
CA LEU B 154 -6.36 -0.02 4.12
C LEU B 154 -7.70 0.69 4.23
N ALA B 155 -8.79 -0.04 3.96
CA ALA B 155 -10.12 0.54 4.00
C ALA B 155 -10.74 0.43 5.40
N ILE B 156 -10.08 -0.32 6.27
CA ILE B 156 -10.51 -0.50 7.67
C ILE B 156 -10.91 0.79 8.44
N PRO B 157 -10.10 1.87 8.38
CA PRO B 157 -10.44 3.08 9.13
C PRO B 157 -11.86 3.64 8.91
N MET B 158 -12.44 3.37 7.75
CA MET B 158 -13.79 3.85 7.45
C MET B 158 -14.85 3.17 8.30
N LEU B 159 -14.51 2.02 8.87
CA LEU B 159 -15.42 1.28 9.73
C LEU B 159 -15.52 1.93 11.10
N PHE B 160 -14.50 2.71 11.47
CA PHE B 160 -14.46 3.38 12.75
C PHE B 160 -14.58 4.91 12.61
N THR B 161 -14.51 5.40 11.38
CA THR B 161 -14.58 6.82 11.13
C THR B 161 -16.01 7.28 10.87
N MET B 162 -16.75 6.49 10.10
CA MET B 162 -18.11 6.85 9.72
C MET B 162 -19.15 6.18 10.63
N GLY B 163 -20.26 6.87 10.85
CA GLY B 163 -21.33 6.33 11.68
C GLY B 163 -22.59 7.16 11.61
N LEU B 164 -23.55 6.84 12.46
CA LEU B 164 -24.82 7.56 12.50
C LEU B 164 -24.83 8.62 13.60
N GLN B 165 -25.44 9.76 13.29
CA GLN B 165 -25.63 10.82 14.29
C GLN B 165 -26.98 11.49 14.15
N ASN B 166 -27.60 11.80 15.27
CA ASN B 166 -28.89 12.50 15.26
C ASN B 166 -28.67 14.01 15.36
N LEU B 167 -28.60 14.67 14.20
CA LEU B 167 -28.32 16.11 14.16
C LEU B 167 -29.56 16.97 14.31
N SER B 168 -30.51 16.50 15.11
CA SER B 168 -31.71 17.28 15.39
C SER B 168 -31.40 18.30 16.49
N GLY B 169 -32.37 19.16 16.78
CA GLY B 169 -32.23 20.17 17.81
C GLY B 169 -32.06 19.54 19.18
N ASP B 170 -32.89 18.55 19.47
CA ASP B 170 -32.82 17.82 20.74
C ASP B 170 -32.03 16.53 20.58
N GLY B 171 -31.95 16.05 19.34
CA GLY B 171 -31.22 14.84 19.04
C GLY B 171 -32.01 13.58 19.28
N THR B 172 -33.34 13.68 19.13
CA THR B 172 -34.23 12.54 19.37
C THR B 172 -35.08 12.21 18.16
N HIS B 173 -35.23 13.17 17.26
CA HIS B 173 -36.06 12.98 16.07
C HIS B 173 -35.40 12.03 15.08
N PRO B 174 -36.13 11.00 14.64
CA PRO B 174 -35.65 9.97 13.72
C PRO B 174 -35.23 10.52 12.36
N GLY B 175 -35.75 11.70 12.00
CA GLY B 175 -35.43 12.33 10.75
C GLY B 175 -34.04 12.94 10.74
N GLY B 176 -33.50 13.20 11.93
CA GLY B 176 -32.18 13.79 12.06
C GLY B 176 -31.07 12.76 12.05
N LEU B 177 -31.45 11.49 11.93
CA LEU B 177 -30.49 10.41 11.89
C LEU B 177 -29.78 10.37 10.53
N VAL B 178 -28.51 10.79 10.51
CA VAL B 178 -27.77 10.86 9.26
C VAL B 178 -26.44 10.10 9.33
N CYS B 179 -25.92 9.74 8.16
CA CYS B 179 -24.62 9.10 8.04
C CYS B 179 -23.54 10.16 7.88
N THR B 180 -22.63 10.22 8.85
CA THR B 180 -21.64 11.28 8.93
C THR B 180 -20.38 10.77 9.63
N PRO B 181 -19.23 11.46 9.44
CA PRO B 181 -18.06 11.14 10.26
C PRO B 181 -18.37 11.37 11.74
N ILE B 182 -18.15 10.34 12.55
CA ILE B 182 -18.45 10.41 13.97
C ILE B 182 -17.20 10.63 14.81
N VAL B 183 -16.14 11.13 14.18
CA VAL B 183 -14.88 11.37 14.87
C VAL B 183 -14.50 12.85 14.76
N ASP B 184 -13.61 13.30 15.64
CA ASP B 184 -13.20 14.70 15.67
C ASP B 184 -12.52 15.15 14.37
N THR B 185 -12.45 16.46 14.17
CA THR B 185 -11.96 17.05 12.93
C THR B 185 -10.51 16.64 12.61
N ALA B 186 -9.66 16.61 13.63
CA ALA B 186 -8.26 16.24 13.45
C ALA B 186 -8.11 14.81 12.92
N THR B 187 -8.80 13.87 13.57
CA THR B 187 -8.77 12.47 13.16
C THR B 187 -9.30 12.30 11.75
N LEU B 188 -10.35 13.03 11.42
CA LEU B 188 -10.94 12.99 10.09
C LEU B 188 -9.94 13.47 9.05
N LYS B 189 -9.30 14.59 9.34
CA LYS B 189 -8.23 15.12 8.49
C LYS B 189 -7.18 14.05 8.28
N VAL B 190 -6.82 13.35 9.36
CA VAL B 190 -5.81 12.30 9.29
C VAL B 190 -6.20 11.16 8.35
N VAL B 191 -7.36 10.56 8.57
CA VAL B 191 -7.79 9.42 7.76
C VAL B 191 -8.01 9.81 6.30
N ILE B 192 -8.53 11.01 6.07
CA ILE B 192 -8.77 11.50 4.72
C ILE B 192 -7.46 11.74 3.99
N GLN B 193 -6.51 12.35 4.69
CA GLN B 193 -5.17 12.56 4.13
C GLN B 193 -4.50 11.24 3.79
N VAL B 194 -4.63 10.27 4.69
CA VAL B 194 -4.07 8.94 4.47
C VAL B 194 -4.65 8.30 3.21
N ASN B 195 -5.97 8.41 3.06
CA ASN B 195 -6.62 7.88 1.86
C ASN B 195 -6.18 8.60 0.58
N THR B 196 -6.03 9.92 0.68
CA THR B 196 -5.63 10.73 -0.48
C THR B 196 -4.21 10.40 -0.92
N PHE B 197 -3.32 10.19 0.04
CA PHE B 197 -1.93 9.85 -0.24
C PHE B 197 -1.80 8.42 -0.76
N MET B 198 -2.47 7.47 -0.11
CA MET B 198 -2.28 6.05 -0.42
C MET B 198 -3.06 5.56 -1.64
N SER B 199 -4.22 6.16 -1.89
CA SER B 199 -5.07 5.69 -2.98
C SER B 199 -4.94 6.54 -4.25
N PHE B 200 -4.31 7.70 -4.14
CA PHE B 200 -4.22 8.61 -5.27
C PHE B 200 -2.79 9.07 -5.58
N LEU B 201 -2.28 10.00 -4.78
CA LEU B 201 -0.99 10.64 -5.04
C LEU B 201 0.18 9.68 -5.28
N PHE B 202 0.52 8.90 -4.25
CA PHE B 202 1.64 7.97 -4.31
C PHE B 202 1.56 6.91 -5.45
N PRO B 203 0.48 6.11 -5.48
CA PRO B 203 0.45 5.07 -6.51
C PRO B 203 0.37 5.61 -7.94
N MET B 204 -0.35 6.71 -8.13
CA MET B 204 -0.44 7.32 -9.46
C MET B 204 0.86 8.01 -9.86
N LEU B 205 1.64 8.44 -8.87
CA LEU B 205 2.95 9.01 -9.14
C LEU B 205 3.85 7.91 -9.66
N VAL B 206 3.86 6.79 -8.93
CA VAL B 206 4.61 5.60 -9.33
C VAL B 206 4.22 5.15 -10.74
N ALA B 207 2.92 5.02 -10.97
CA ALA B 207 2.39 4.57 -12.25
C ALA B 207 2.75 5.55 -13.37
N SER B 208 2.79 6.84 -13.04
CA SER B 208 3.13 7.87 -14.02
C SER B 208 4.59 7.73 -14.45
N ILE B 209 5.48 7.63 -13.47
CA ILE B 209 6.90 7.43 -13.76
C ILE B 209 7.11 6.18 -14.60
N LEU B 210 6.54 5.07 -14.13
CA LEU B 210 6.65 3.80 -14.83
C LEU B 210 6.16 3.88 -16.27
N ASN B 211 5.00 4.49 -16.47
CA ASN B 211 4.44 4.65 -17.81
C ASN B 211 5.28 5.54 -18.72
N THR B 212 5.93 6.55 -18.13
CA THR B 212 6.84 7.40 -18.89
C THR B 212 8.03 6.58 -19.39
N VAL B 213 8.65 5.83 -18.47
CA VAL B 213 9.76 4.96 -18.82
C VAL B 213 9.36 3.95 -19.89
N ILE B 214 8.16 3.39 -19.74
CA ILE B 214 7.62 2.46 -20.72
C ILE B 214 7.47 3.12 -22.08
N ALA B 215 7.04 4.38 -22.09
CA ALA B 215 6.92 5.13 -23.33
C ALA B 215 8.28 5.28 -24.02
N ASN B 216 9.28 5.68 -23.26
CA ASN B 216 10.64 5.79 -23.78
C ASN B 216 11.14 4.47 -24.38
N LYS B 217 10.99 3.40 -23.60
CA LYS B 217 11.37 2.06 -24.03
C LYS B 217 10.62 1.64 -25.30
N LEU B 218 9.41 2.15 -25.46
CA LEU B 218 8.59 1.86 -26.63
C LEU B 218 9.14 2.58 -27.86
N THR B 219 9.52 3.84 -27.69
CA THR B 219 10.14 4.60 -28.76
C THR B 219 11.43 3.92 -29.22
N VAL B 220 12.26 3.56 -28.26
CA VAL B 220 13.49 2.83 -28.55
C VAL B 220 13.17 1.52 -29.28
N MET B 221 12.12 0.84 -28.83
CA MET B 221 11.73 -0.45 -29.40
C MET B 221 11.26 -0.35 -30.85
N VAL B 222 10.51 0.70 -31.18
CA VAL B 222 10.06 0.87 -32.56
C VAL B 222 11.21 1.34 -33.45
N HIS B 223 12.12 2.11 -32.86
CA HIS B 223 13.33 2.51 -33.59
C HIS B 223 14.22 1.30 -33.88
N GLN B 224 14.17 0.31 -32.99
CA GLN B 224 14.88 -0.95 -33.23
C GLN B 224 14.10 -1.80 -34.24
N ALA B 225 12.80 -1.64 -34.24
CA ALA B 225 11.91 -2.43 -35.11
C ALA B 225 11.99 -1.95 -36.54
N ALA B 226 12.42 -0.71 -36.74
CA ALA B 226 12.57 -0.15 -38.08
C ALA B 226 13.68 -0.85 -38.86
N PHE B 227 14.57 -1.53 -38.14
CA PHE B 227 15.70 -2.21 -38.78
C PHE B 227 15.70 -3.70 -38.48
N ASN B 228 14.58 -4.22 -37.98
CA ASN B 228 14.41 -5.63 -37.67
C ASN B 228 15.46 -6.13 -36.68
N MET B 229 15.65 -5.39 -35.58
CA MET B 229 16.60 -5.77 -34.56
C MET B 229 15.93 -6.03 -33.22
N THR B 230 14.71 -6.58 -33.26
CA THR B 230 13.96 -6.90 -32.06
C THR B 230 12.89 -7.94 -32.33
N ILE B 231 11.86 -7.96 -31.48
CA ILE B 231 10.77 -8.93 -31.59
C ILE B 231 9.92 -8.75 -32.84
N GLU B 232 9.02 -9.69 -33.07
CA GLU B 232 8.14 -9.68 -34.23
C GLU B 232 7.17 -8.50 -34.21
N PRO B 233 6.82 -7.98 -35.40
CA PRO B 233 5.93 -6.83 -35.56
C PRO B 233 4.62 -6.95 -34.78
N GLY B 234 4.00 -8.14 -34.80
CA GLY B 234 2.74 -8.36 -34.11
C GLY B 234 2.86 -8.14 -32.61
N ARG B 235 3.93 -8.69 -32.03
CA ARG B 235 4.20 -8.53 -30.61
C ARG B 235 4.42 -7.06 -30.27
N VAL B 236 5.05 -6.33 -31.17
CA VAL B 236 5.29 -4.90 -31.01
C VAL B 236 3.96 -4.14 -31.02
N GLN B 237 3.06 -4.53 -31.93
CA GLN B 237 1.75 -3.91 -32.01
C GLN B 237 0.93 -4.15 -30.75
N ALA B 238 0.93 -5.39 -30.28
CA ALA B 238 0.20 -5.75 -29.06
C ALA B 238 0.76 -5.00 -27.86
N LEU B 239 2.09 -4.96 -27.78
CA LEU B 239 2.76 -4.26 -26.69
C LEU B 239 2.41 -2.77 -26.70
N ARG B 240 2.35 -2.20 -27.90
CA ARG B 240 1.98 -0.80 -28.07
C ARG B 240 0.55 -0.56 -27.63
N ARG B 241 -0.33 -1.52 -27.95
CA ARG B 241 -1.71 -1.47 -27.50
C ARG B 241 -1.76 -1.43 -25.97
N GLY B 242 -0.97 -2.28 -25.35
CA GLY B 242 -0.87 -2.31 -23.89
C GLY B 242 -0.41 -0.97 -23.33
N VAL B 243 0.60 -0.39 -23.98
CA VAL B 243 1.13 0.91 -23.56
C VAL B 243 0.07 2.00 -23.62
N LEU B 244 -0.58 2.14 -24.76
CA LEU B 244 -1.61 3.16 -24.94
C LEU B 244 -2.79 2.97 -23.99
N VAL B 245 -3.26 1.73 -23.87
CA VAL B 245 -4.36 1.42 -22.98
C VAL B 245 -4.03 1.79 -21.53
N LEU B 246 -2.89 1.31 -21.05
CA LEU B 246 -2.46 1.58 -19.68
C LEU B 246 -2.29 3.07 -19.41
N ARG B 247 -1.70 3.77 -20.38
CA ARG B 247 -1.52 5.21 -20.29
C ARG B 247 -2.87 5.90 -20.13
N ALA B 248 -3.80 5.56 -21.01
CA ALA B 248 -5.15 6.11 -20.96
C ALA B 248 -5.82 5.84 -19.62
N VAL B 249 -5.60 4.64 -19.08
CA VAL B 249 -6.16 4.27 -17.78
C VAL B 249 -5.60 5.14 -16.66
N VAL B 250 -4.28 5.31 -16.65
CA VAL B 250 -3.63 6.15 -15.66
C VAL B 250 -4.15 7.58 -15.70
N ILE B 251 -4.13 8.16 -16.90
CA ILE B 251 -4.61 9.54 -17.09
C ILE B 251 -6.06 9.70 -16.63
N ALA B 252 -6.92 8.80 -17.10
CA ALA B 252 -8.34 8.84 -16.76
C ALA B 252 -8.54 8.73 -15.25
N PHE B 253 -7.76 7.88 -14.60
CA PHE B 253 -7.85 7.71 -13.16
C PHE B 253 -7.49 9.01 -12.44
N VAL B 254 -6.33 9.57 -12.80
CA VAL B 254 -5.87 10.82 -12.20
C VAL B 254 -6.90 11.94 -12.34
N VAL B 255 -7.36 12.15 -13.58
CA VAL B 255 -8.31 13.21 -13.88
C VAL B 255 -9.64 13.02 -13.16
N CYS B 256 -10.20 11.81 -13.24
CA CYS B 256 -11.51 11.55 -12.63
C CYS B 256 -11.48 11.59 -11.11
N TRP B 257 -10.36 11.17 -10.52
CA TRP B 257 -10.27 11.10 -9.06
C TRP B 257 -9.72 12.36 -8.40
N LEU B 258 -9.11 13.25 -9.18
CA LEU B 258 -8.54 14.48 -8.61
C LEU B 258 -9.54 15.39 -7.89
N PRO B 259 -10.64 15.79 -8.56
CA PRO B 259 -11.56 16.71 -7.88
C PRO B 259 -12.27 16.04 -6.69
N TYR B 260 -12.40 14.73 -6.75
CA TYR B 260 -13.03 13.95 -5.67
C TYR B 260 -12.27 14.12 -4.36
N HIS B 261 -10.95 13.96 -4.42
CA HIS B 261 -10.11 14.08 -3.24
C HIS B 261 -10.05 15.52 -2.72
N VAL B 262 -10.14 16.48 -3.64
CA VAL B 262 -10.13 17.90 -3.27
C VAL B 262 -11.35 18.24 -2.41
N ARG B 263 -12.49 17.70 -2.81
CA ARG B 263 -13.75 17.96 -2.10
C ARG B 263 -13.72 17.40 -0.68
N ARG B 264 -13.16 16.20 -0.53
CA ARG B 264 -13.07 15.56 0.78
C ARG B 264 -12.12 16.30 1.71
N LEU B 265 -11.04 16.84 1.15
CA LEU B 265 -10.13 17.69 1.91
C LEU B 265 -10.81 18.99 2.26
N MET B 266 -11.65 19.47 1.36
CA MET B 266 -12.42 20.70 1.56
C MET B 266 -13.43 20.54 2.68
N PHE B 267 -13.97 19.33 2.82
CA PHE B 267 -15.00 19.04 3.80
C PHE B 267 -14.53 19.21 5.23
N CYS B 268 -13.24 18.99 5.47
CA CYS B 268 -12.73 18.99 6.84
C CYS B 268 -11.66 20.04 7.11
N TYR B 269 -11.32 20.84 6.10
CA TYR B 269 -10.30 21.88 6.26
C TYR B 269 -10.87 23.29 6.36
N ILE B 270 -12.11 23.46 5.94
CA ILE B 270 -12.78 24.76 6.06
C ILE B 270 -13.36 24.91 7.46
N SER B 271 -13.01 26.00 8.13
CA SER B 271 -13.47 26.27 9.48
C SER B 271 -14.99 26.48 9.51
N ASP B 272 -15.58 26.31 10.69
CA ASP B 272 -17.03 26.42 10.86
C ASP B 272 -17.57 27.79 10.46
N GLU B 273 -16.90 28.84 10.90
CA GLU B 273 -17.33 30.19 10.61
C GLU B 273 -17.09 30.56 9.15
N GLN B 274 -16.17 29.87 8.50
CA GLN B 274 -15.88 30.11 7.10
C GLN B 274 -16.96 29.51 6.20
N TRP B 275 -17.64 28.49 6.71
CA TRP B 275 -18.71 27.84 5.95
C TRP B 275 -19.93 28.75 5.79
N THR B 276 -20.08 29.31 4.59
CA THR B 276 -21.25 30.12 4.28
C THR B 276 -22.30 29.26 3.58
N THR B 277 -23.47 29.85 3.31
CA THR B 277 -24.52 29.15 2.58
C THR B 277 -24.06 28.85 1.16
N PHE B 278 -23.34 29.81 0.59
CA PHE B 278 -22.77 29.66 -0.75
C PHE B 278 -21.83 28.47 -0.82
N LEU B 279 -20.95 28.36 0.17
CA LEU B 279 -19.99 27.25 0.21
C LEU B 279 -20.69 25.92 0.47
N PHE B 280 -21.86 25.98 1.09
CA PHE B 280 -22.67 24.79 1.36
C PHE B 280 -23.25 24.26 0.05
N ASP B 281 -24.04 25.11 -0.60
CA ASP B 281 -24.65 24.76 -1.87
C ASP B 281 -23.60 24.34 -2.90
N PHE B 282 -22.54 25.14 -3.00
CA PHE B 282 -21.42 24.84 -3.88
C PHE B 282 -20.80 23.51 -3.53
N TYR B 283 -20.70 23.21 -2.24
CA TYR B 283 -20.15 21.94 -1.80
C TYR B 283 -20.98 20.77 -2.31
N HIS B 284 -22.30 20.92 -2.28
CA HIS B 284 -23.16 19.82 -2.72
C HIS B 284 -23.25 19.66 -4.25
N TYR B 285 -23.29 20.77 -4.97
CA TYR B 285 -23.23 20.70 -6.44
C TYR B 285 -21.89 20.10 -6.88
N PHE B 286 -20.83 20.50 -6.18
CA PHE B 286 -19.50 19.98 -6.44
C PHE B 286 -19.44 18.51 -6.07
N TYR B 287 -20.25 18.11 -5.10
CA TYR B 287 -20.37 16.69 -4.75
C TYR B 287 -20.93 15.93 -5.94
N MET B 288 -22.01 16.46 -6.49
CA MET B 288 -22.62 15.92 -7.71
C MET B 288 -21.55 15.74 -8.79
N LEU B 289 -20.81 16.80 -9.07
CA LEU B 289 -19.78 16.79 -10.11
C LEU B 289 -18.70 15.73 -9.87
N THR B 290 -18.05 15.80 -8.71
CA THR B 290 -16.95 14.91 -8.36
C THR B 290 -17.37 13.44 -8.39
N ASN B 291 -18.48 13.12 -7.75
CA ASN B 291 -18.96 11.74 -7.73
C ASN B 291 -19.38 11.26 -9.12
N ALA B 292 -19.94 12.16 -9.91
CA ALA B 292 -20.24 11.85 -11.31
C ALA B 292 -18.95 11.46 -12.04
N LEU B 293 -17.89 12.20 -11.81
CA LEU B 293 -16.59 11.89 -12.38
C LEU B 293 -16.06 10.54 -11.87
N VAL B 294 -16.38 10.22 -10.62
CA VAL B 294 -16.01 8.94 -10.04
C VAL B 294 -16.66 7.80 -10.82
N TYR B 295 -17.95 7.93 -11.10
CA TYR B 295 -18.64 6.91 -11.89
C TYR B 295 -18.16 6.88 -13.34
N VAL B 296 -17.73 8.04 -13.85
CA VAL B 296 -17.09 8.10 -15.16
C VAL B 296 -15.83 7.23 -15.15
N SER B 297 -15.07 7.31 -14.07
CA SER B 297 -13.90 6.46 -13.88
C SER B 297 -14.32 5.00 -13.79
N ALA B 298 -15.48 4.76 -13.20
CA ALA B 298 -15.99 3.41 -13.05
C ALA B 298 -16.52 2.84 -14.36
N ALA B 299 -16.70 3.71 -15.36
CA ALA B 299 -17.27 3.28 -16.63
C ALA B 299 -16.35 3.49 -17.84
N ILE B 300 -15.17 4.04 -17.61
CA ILE B 300 -14.27 4.41 -18.71
C ILE B 300 -13.46 3.23 -19.27
N ASN B 301 -13.03 2.33 -18.40
CA ASN B 301 -12.12 1.24 -18.79
C ASN B 301 -12.54 0.32 -19.95
N PRO B 302 -13.80 -0.20 -19.92
CA PRO B 302 -14.20 -1.07 -21.03
C PRO B 302 -14.20 -0.36 -22.38
N ILE B 303 -14.50 0.93 -22.38
CA ILE B 303 -14.52 1.73 -23.59
C ILE B 303 -13.12 1.88 -24.17
N LEU B 304 -12.15 2.07 -23.29
CA LEU B 304 -10.76 2.25 -23.70
C LEU B 304 -10.19 1.00 -24.36
N TYR B 305 -10.70 -0.16 -23.94
CA TYR B 305 -10.24 -1.44 -24.46
C TYR B 305 -10.69 -1.63 -25.90
N ASN B 306 -11.92 -1.21 -26.19
CA ASN B 306 -12.50 -1.35 -27.52
C ASN B 306 -11.88 -0.42 -28.55
N LEU B 307 -11.50 0.77 -28.12
CA LEU B 307 -10.92 1.77 -29.03
C LEU B 307 -9.55 1.34 -29.55
N VAL B 308 -8.75 0.74 -28.69
CA VAL B 308 -7.38 0.36 -29.05
C VAL B 308 -7.33 -1.03 -29.68
N SER B 309 -7.75 -2.04 -28.92
CA SER B 309 -7.69 -3.41 -29.39
C SER B 309 -8.83 -3.74 -30.34
N ALA B 310 -8.49 -4.28 -31.51
CA ALA B 310 -9.48 -4.66 -32.50
C ALA B 310 -10.08 -6.03 -32.16
N ASN B 311 -9.23 -6.95 -31.72
CA ASN B 311 -9.66 -8.30 -31.37
C ASN B 311 -10.62 -8.29 -30.19
N PHE B 312 -10.24 -7.62 -29.12
CA PHE B 312 -11.07 -7.51 -27.92
C PHE B 312 -12.39 -6.82 -28.25
N ARG B 313 -12.36 -5.92 -29.23
CA ARG B 313 -13.57 -5.24 -29.68
C ARG B 313 -14.47 -6.21 -30.44
N GLN B 314 -13.85 -7.06 -31.25
CA GLN B 314 -14.59 -8.09 -31.99
C GLN B 314 -15.30 -9.03 -31.02
N VAL B 315 -14.57 -9.50 -30.01
CA VAL B 315 -15.15 -10.40 -29.01
C VAL B 315 -16.21 -9.68 -28.17
N PHE B 316 -15.96 -8.40 -27.87
CA PHE B 316 -16.88 -7.59 -27.08
C PHE B 316 -18.21 -7.42 -27.79
N LEU B 317 -18.15 -7.11 -29.08
CA LEU B 317 -19.37 -6.94 -29.86
C LEU B 317 -20.04 -8.27 -30.16
N SER B 318 -19.24 -9.33 -30.26
CA SER B 318 -19.77 -10.66 -30.49
C SER B 318 -20.52 -11.16 -29.26
N THR B 319 -20.09 -10.71 -28.08
CA THR B 319 -20.74 -11.09 -26.83
C THR B 319 -21.94 -10.20 -26.55
N LEU B 320 -21.81 -8.92 -26.87
CA LEU B 320 -22.88 -7.94 -26.64
C LEU B 320 -24.12 -8.29 -27.45
N ALA B 321 -23.92 -8.87 -28.63
CA ALA B 321 -25.01 -9.25 -29.50
C ALA B 321 -25.68 -10.55 -29.06
N CYS B 322 -25.23 -11.08 -27.93
CA CYS B 322 -25.75 -12.32 -27.36
C CYS B 322 -25.65 -13.49 -28.33
N ARG C 5 7.37 -33.79 14.76
CA ARG C 5 6.65 -32.65 15.30
C ARG C 5 6.79 -31.42 14.41
N ARG C 6 6.03 -30.38 14.74
CA ARG C 6 6.04 -29.15 13.94
C ARG C 6 6.37 -27.95 14.82
N PRO C 7 7.22 -27.04 14.31
CA PRO C 7 7.59 -25.82 15.03
C PRO C 7 6.37 -24.97 15.38
N TYR C 8 6.45 -24.27 16.52
CA TYR C 8 5.37 -23.40 16.95
C TYR C 8 5.82 -21.95 16.95
N ILE C 9 7.10 -21.73 16.69
CA ILE C 9 7.67 -20.39 16.66
C ILE C 9 7.74 -19.84 15.24
N LEU C 10 6.97 -18.78 14.98
CA LEU C 10 6.97 -18.12 13.68
C LEU C 10 7.98 -16.99 13.66
N ARG D 5 -23.45 27.16 9.42
CA ARG D 5 -23.96 25.87 8.98
C ARG D 5 -22.88 25.06 8.28
N ARG D 6 -22.70 23.81 8.69
CA ARG D 6 -21.64 22.96 8.15
C ARG D 6 -22.19 21.65 7.60
N PRO D 7 -21.71 21.25 6.41
CA PRO D 7 -22.13 19.99 5.78
C PRO D 7 -21.80 18.77 6.65
N TYR D 8 -22.58 17.72 6.51
CA TYR D 8 -22.37 16.49 7.26
C TYR D 8 -22.14 15.30 6.32
N ILE D 9 -22.35 15.55 5.02
CA ILE D 9 -22.18 14.51 4.01
C ILE D 9 -20.75 14.48 3.47
N LEU D 10 -20.11 13.31 3.58
CA LEU D 10 -18.74 13.14 3.09
C LEU D 10 -18.75 12.36 1.78
#